data_3ALF
#
_entry.id   3ALF
#
_cell.length_a   62.395
_cell.length_b   120.292
_cell.length_c   51.912
_cell.angle_alpha   90.00
_cell.angle_beta   90.00
_cell.angle_gamma   90.00
#
_symmetry.space_group_name_H-M   'P 21 21 2'
#
loop_
_entity.id
_entity.type
_entity.pdbx_description
1 polymer 'Chitinase, class V'
2 non-polymer 'PHOSPHATE ION'
3 non-polymer 1,2-ETHANEDIOL
4 water water
#
_entity_poly.entity_id   1
_entity_poly.type   'polypeptide(L)'
_entity_poly.pdbx_seq_one_letter_code
;MQNVKGGYWFKDSGLALNNIDSTLFTHLFCAFADLNPQLNQLIISPENQDSFRQFTSTVQRKNPSVKTFLSIAGGRANST
AYGIMARQPNSRKSFIDSSIRLARQLGFHGLDLDWEYPLSAADMTNLGTLLNEWRTAINTEARNSGRAALLLTAAVSNSP
RVNGLNYPVESLARNLDWINLMAYDFYGPNWSPSQTNSHAQLFDPVNHVSGSDGINAWIQAGVPTKKLVLGIPFYGYAWR
LVNANIHGLRAPAAGKSNVGAVDDGSMTYNRIRDYIVESRATTVYNATIVGDYCYSGSNWISYDDTQTVRNKVNYVKGRG
LLGYFAWHVAGDQNWGLSRTASQTWGVSFQEMK
;
_entity_poly.pdbx_strand_id   A
#
loop_
_chem_comp.id
_chem_comp.type
_chem_comp.name
_chem_comp.formula
EDO non-polymer 1,2-ETHANEDIOL 'C2 H6 O2'
PO4 non-polymer 'PHOSPHATE ION' 'O4 P -3'
#
# COMPACT_ATOMS: atom_id res chain seq x y z
N GLN A 2 11.36 -9.10 14.11
CA GLN A 2 11.78 -8.70 12.73
C GLN A 2 11.04 -7.44 12.29
N ASN A 3 11.79 -6.52 11.69
CA ASN A 3 11.22 -5.34 11.06
C ASN A 3 10.73 -5.66 9.66
N VAL A 4 9.83 -4.83 9.14
CA VAL A 4 9.21 -5.07 7.85
C VAL A 4 9.79 -4.17 6.77
N LYS A 5 10.33 -4.79 5.73
CA LYS A 5 10.70 -4.13 4.48
C LYS A 5 9.77 -4.72 3.43
N GLY A 6 8.63 -4.07 3.23
CA GLY A 6 7.56 -4.64 2.42
C GLY A 6 7.53 -4.15 0.99
N GLY A 7 7.01 -4.99 0.09
CA GLY A 7 6.82 -4.60 -1.29
C GLY A 7 5.62 -5.29 -1.90
N TYR A 8 4.78 -4.51 -2.58
CA TYR A 8 3.63 -5.04 -3.31
C TYR A 8 3.96 -5.27 -4.77
N TRP A 9 3.41 -6.34 -5.33
CA TRP A 9 3.53 -6.66 -6.75
C TRP A 9 2.16 -7.08 -7.28
N PHE A 10 1.88 -6.68 -8.51
CA PHE A 10 0.73 -7.20 -9.25
C PHE A 10 1.14 -7.55 -10.68
N LYS A 11 0.49 -8.55 -11.25
CA LYS A 11 0.86 -9.09 -12.56
C LYS A 11 0.89 -8.03 -13.67
N ASP A 12 -0.15 -7.19 -13.70
CA ASP A 12 -0.30 -6.19 -14.76
C ASP A 12 0.70 -5.04 -14.68
N SER A 13 1.58 -5.07 -13.67
CA SER A 13 2.64 -4.07 -13.53
C SER A 13 3.71 -4.26 -14.60
N GLY A 14 3.75 -5.43 -15.22
CA GLY A 14 4.69 -5.71 -16.30
C GLY A 14 5.99 -6.35 -15.87
N LEU A 15 6.30 -6.25 -14.57
CA LEU A 15 7.50 -6.88 -14.04
C LEU A 15 7.28 -8.37 -13.87
N ALA A 16 8.11 -9.16 -14.54
CA ALA A 16 8.03 -10.62 -14.44
C ALA A 16 8.29 -11.04 -13.00
N LEU A 17 7.50 -12.00 -12.55
CA LEU A 17 7.64 -12.59 -11.22
C LEU A 17 9.10 -12.94 -10.90
N ASN A 18 9.77 -13.57 -11.86
CA ASN A 18 11.16 -14.00 -11.70
C ASN A 18 12.18 -12.86 -11.60
N ASN A 19 11.74 -11.64 -11.93
CA ASN A 19 12.61 -10.47 -11.90
C ASN A 19 12.39 -9.56 -10.68
N ILE A 20 11.54 -9.98 -9.75
CA ILE A 20 11.41 -9.28 -8.48
C ILE A 20 12.69 -9.54 -7.67
N ASP A 21 13.37 -8.47 -7.28
CA ASP A 21 14.57 -8.61 -6.48
C ASP A 21 14.19 -8.74 -5.01
N SER A 22 13.91 -9.97 -4.60
CA SER A 22 13.45 -10.26 -3.25
C SER A 22 14.52 -10.12 -2.17
N THR A 23 15.77 -9.86 -2.57
CA THR A 23 16.83 -9.59 -1.60
C THR A 23 16.64 -8.25 -0.89
N LEU A 24 15.81 -7.38 -1.44
CA LEU A 24 15.61 -6.03 -0.90
C LEU A 24 14.38 -5.92 -0.01
N PHE A 25 13.76 -7.05 0.29
CA PHE A 25 12.52 -7.10 1.05
C PHE A 25 12.49 -8.23 2.06
N THR A 26 11.69 -8.06 3.10
CA THR A 26 11.43 -9.12 4.07
C THR A 26 10.08 -9.78 3.80
N HIS A 27 9.15 -8.99 3.24
CA HIS A 27 7.80 -9.45 2.97
C HIS A 27 7.34 -8.92 1.62
N LEU A 28 6.85 -9.82 0.79
CA LEU A 28 6.31 -9.46 -0.52
C LEU A 28 4.83 -9.79 -0.58
N PHE A 29 4.05 -8.84 -1.08
CA PHE A 29 2.60 -8.93 -1.14
C PHE A 29 2.15 -9.14 -2.57
N CYS A 30 1.48 -10.27 -2.81
CA CYS A 30 0.98 -10.64 -4.13
C CYS A 30 -0.47 -10.18 -4.27
N ALA A 31 -0.70 -9.23 -5.18
CA ALA A 31 -1.99 -8.53 -5.28
C ALA A 31 -2.66 -8.75 -6.64
N PHE A 32 -3.97 -9.01 -6.71
CA PHE A 32 -4.89 -9.22 -5.59
C PHE A 32 -5.70 -10.50 -5.80
N ALA A 33 -5.97 -11.21 -4.71
CA ALA A 33 -7.01 -12.23 -4.70
C ALA A 33 -8.38 -11.53 -4.63
N ASP A 34 -9.41 -12.22 -5.12
CA ASP A 34 -10.74 -11.64 -5.26
C ASP A 34 -11.79 -12.36 -4.43
N LEU A 35 -12.87 -11.66 -4.14
CA LEU A 35 -14.03 -12.24 -3.49
C LEU A 35 -15.02 -12.75 -4.53
N ASN A 36 -15.32 -14.05 -4.45
CA ASN A 36 -16.42 -14.65 -5.20
C ASN A 36 -17.69 -14.37 -4.40
N PRO A 37 -18.58 -13.50 -4.94
CA PRO A 37 -19.76 -13.08 -4.17
C PRO A 37 -20.85 -14.14 -4.06
N GLN A 38 -20.82 -15.14 -4.95
CA GLN A 38 -21.75 -16.26 -4.87
C GLN A 38 -21.39 -17.15 -3.69
N LEU A 39 -20.13 -17.58 -3.63
CA LEU A 39 -19.68 -18.49 -2.58
C LEU A 39 -19.29 -17.77 -1.29
N ASN A 40 -19.08 -16.46 -1.38
CA ASN A 40 -18.41 -15.71 -0.31
C ASN A 40 -17.12 -16.39 0.12
N GLN A 41 -16.30 -16.66 -0.89
CA GLN A 41 -14.99 -17.28 -0.71
C GLN A 41 -13.94 -16.49 -1.44
N LEU A 42 -12.72 -16.54 -0.92
CA LEU A 42 -11.57 -15.95 -1.59
C LEU A 42 -11.14 -16.84 -2.73
N ILE A 43 -10.94 -16.23 -3.90
CA ILE A 43 -10.51 -16.95 -5.09
C ILE A 43 -9.39 -16.17 -5.80
N ILE A 44 -8.79 -16.82 -6.79
CA ILE A 44 -7.81 -16.18 -7.66
C ILE A 44 -8.34 -16.26 -9.08
N SER A 45 -8.33 -15.11 -9.78
CA SER A 45 -8.85 -15.03 -11.14
C SER A 45 -8.04 -15.92 -12.10
N PRO A 46 -8.66 -16.35 -13.22
CA PRO A 46 -7.94 -17.12 -14.24
C PRO A 46 -6.66 -16.43 -14.70
N GLU A 47 -6.70 -15.11 -14.90
CA GLU A 47 -5.54 -14.35 -15.35
C GLU A 47 -4.39 -14.36 -14.33
N ASN A 48 -4.72 -14.42 -13.04
CA ASN A 48 -3.73 -14.40 -11.97
C ASN A 48 -3.23 -15.79 -11.55
N GLN A 49 -3.97 -16.83 -11.93
CA GLN A 49 -3.73 -18.19 -11.43
C GLN A 49 -2.28 -18.68 -11.59
N ASP A 50 -1.75 -18.60 -12.81
CA ASP A 50 -0.42 -19.13 -13.11
C ASP A 50 0.70 -18.47 -12.31
N SER A 51 0.64 -17.14 -12.20
CA SER A 51 1.67 -16.40 -11.47
C SER A 51 1.51 -16.52 -9.96
N PHE A 52 0.27 -16.48 -9.47
CA PHE A 52 0.02 -16.54 -8.03
C PHE A 52 0.44 -17.89 -7.44
N ARG A 53 0.23 -18.96 -8.21
CA ARG A 53 0.62 -20.31 -7.77
C ARG A 53 2.13 -20.46 -7.66
N GLN A 54 2.86 -19.71 -8.47
CA GLN A 54 4.33 -19.77 -8.46
C GLN A 54 4.99 -18.63 -7.69
N PHE A 55 4.20 -17.69 -7.18
CA PHE A 55 4.73 -16.48 -6.55
C PHE A 55 5.76 -16.78 -5.46
N THR A 56 5.36 -17.57 -4.48
CA THR A 56 6.18 -17.82 -3.30
C THR A 56 7.48 -18.57 -3.64
N SER A 57 7.35 -19.68 -4.35
CA SER A 57 8.52 -20.48 -4.72
C SER A 57 9.49 -19.69 -5.60
N THR A 58 8.96 -18.89 -6.52
CA THR A 58 9.82 -18.08 -7.40
C THR A 58 10.60 -17.01 -6.64
N VAL A 59 9.91 -16.18 -5.85
CA VAL A 59 10.61 -15.11 -5.13
C VAL A 59 11.61 -15.65 -4.10
N GLN A 60 11.32 -16.84 -3.57
CA GLN A 60 12.23 -17.48 -2.60
C GLN A 60 13.50 -18.04 -3.24
N ARG A 61 13.51 -18.17 -4.57
CA ARG A 61 14.73 -18.59 -5.28
C ARG A 61 15.84 -17.54 -5.19
N LYS A 62 15.45 -16.26 -5.18
CA LYS A 62 16.40 -15.16 -5.04
C LYS A 62 16.68 -14.80 -3.57
N ASN A 63 15.73 -15.13 -2.70
CA ASN A 63 15.88 -14.91 -1.26
C ASN A 63 15.02 -15.91 -0.48
N PRO A 64 15.62 -17.02 -0.01
CA PRO A 64 14.84 -18.04 0.70
C PRO A 64 14.20 -17.56 2.00
N SER A 65 14.71 -16.45 2.54
CA SER A 65 14.20 -15.91 3.80
C SER A 65 13.02 -14.95 3.64
N VAL A 66 12.70 -14.56 2.41
CA VAL A 66 11.57 -13.67 2.17
C VAL A 66 10.26 -14.40 2.48
N LYS A 67 9.32 -13.67 3.09
CA LYS A 67 7.99 -14.20 3.39
C LYS A 67 6.98 -13.55 2.45
N THR A 68 5.89 -14.26 2.16
CA THR A 68 4.92 -13.79 1.19
C THR A 68 3.52 -13.66 1.77
N PHE A 69 2.80 -12.66 1.27
CA PHE A 69 1.40 -12.42 1.59
C PHE A 69 0.55 -12.54 0.34
N LEU A 70 -0.64 -13.08 0.51
CA LEU A 70 -1.67 -12.96 -0.50
C LEU A 70 -2.54 -11.76 -0.11
N SER A 71 -2.49 -10.72 -0.94
CA SER A 71 -3.29 -9.52 -0.71
C SER A 71 -4.67 -9.65 -1.35
N ILE A 72 -5.66 -9.03 -0.72
CA ILE A 72 -7.07 -9.27 -1.03
C ILE A 72 -7.78 -7.96 -1.34
N ALA A 73 -8.61 -7.99 -2.38
CA ALA A 73 -9.50 -6.87 -2.75
C ALA A 73 -8.76 -5.79 -3.54
N GLY A 74 -8.29 -4.75 -2.86
CA GLY A 74 -7.62 -3.64 -3.53
C GLY A 74 -8.58 -2.59 -4.07
N GLY A 75 -8.03 -1.56 -4.69
CA GLY A 75 -8.78 -0.38 -5.10
C GLY A 75 -9.89 -0.59 -6.12
N ARG A 76 -9.79 -1.66 -6.90
CA ARG A 76 -10.74 -1.93 -7.99
C ARG A 76 -11.85 -2.93 -7.60
N ALA A 77 -11.79 -3.43 -6.37
CA ALA A 77 -12.75 -4.42 -5.89
C ALA A 77 -14.13 -3.80 -5.65
N ASN A 78 -15.15 -4.65 -5.65
CA ASN A 78 -16.51 -4.22 -5.36
C ASN A 78 -16.74 -4.21 -3.86
N SER A 79 -16.71 -3.01 -3.28
CA SER A 79 -16.83 -2.87 -1.83
C SER A 79 -18.13 -3.45 -1.27
N THR A 80 -19.24 -3.30 -2.01
CA THR A 80 -20.52 -3.84 -1.54
C THR A 80 -20.50 -5.35 -1.35
N ALA A 81 -19.71 -6.06 -2.16
CA ALA A 81 -19.58 -7.51 -2.01
C ALA A 81 -18.94 -7.86 -0.67
N TYR A 82 -17.94 -7.07 -0.27
CA TYR A 82 -17.29 -7.27 1.02
C TYR A 82 -18.22 -6.91 2.19
N GLY A 83 -19.01 -5.85 2.01
CA GLY A 83 -20.03 -5.50 3.00
C GLY A 83 -21.04 -6.60 3.21
N ILE A 84 -21.50 -7.21 2.11
CA ILE A 84 -22.41 -8.36 2.19
C ILE A 84 -21.74 -9.52 2.92
N MET A 85 -20.50 -9.84 2.53
CA MET A 85 -19.76 -10.94 3.13
C MET A 85 -19.62 -10.76 4.65
N ALA A 86 -19.28 -9.54 5.06
CA ALA A 86 -19.02 -9.25 6.47
C ALA A 86 -20.28 -9.18 7.33
N ARG A 87 -21.43 -9.10 6.69
CA ARG A 87 -22.72 -8.88 7.35
C ARG A 87 -23.20 -10.04 8.24
N GLN A 88 -22.83 -11.27 7.88
CA GLN A 88 -23.37 -12.47 8.52
C GLN A 88 -22.27 -13.44 8.93
N PRO A 89 -22.49 -14.19 10.04
CA PRO A 89 -21.49 -15.18 10.47
C PRO A 89 -21.18 -16.26 9.42
N ASN A 90 -22.19 -16.72 8.69
CA ASN A 90 -21.98 -17.80 7.71
C ASN A 90 -21.07 -17.39 6.54
N SER A 91 -21.27 -16.19 6.03
CA SER A 91 -20.45 -15.68 4.93
C SER A 91 -19.06 -15.23 5.39
N ARG A 92 -18.96 -14.74 6.62
CA ARG A 92 -17.65 -14.47 7.22
C ARG A 92 -16.85 -15.75 7.35
N LYS A 93 -17.51 -16.82 7.81
CA LYS A 93 -16.84 -18.11 8.00
C LYS A 93 -16.33 -18.71 6.70
N SER A 94 -17.16 -18.70 5.65
CA SER A 94 -16.74 -19.25 4.36
C SER A 94 -15.58 -18.45 3.78
N PHE A 95 -15.61 -17.13 3.97
CA PHE A 95 -14.52 -16.27 3.52
C PHE A 95 -13.23 -16.55 4.30
N ILE A 96 -13.33 -16.56 5.62
CA ILE A 96 -12.20 -16.85 6.49
C ILE A 96 -11.58 -18.21 6.18
N ASP A 97 -12.40 -19.25 6.13
CA ASP A 97 -11.91 -20.62 5.91
C ASP A 97 -11.25 -20.77 4.55
N SER A 98 -11.84 -20.19 3.51
CA SER A 98 -11.28 -20.28 2.16
C SER A 98 -9.96 -19.53 2.04
N SER A 99 -9.85 -18.40 2.73
CA SER A 99 -8.62 -17.60 2.70
C SER A 99 -7.45 -18.36 3.32
N ILE A 100 -7.70 -19.02 4.44
CA ILE A 100 -6.68 -19.82 5.13
C ILE A 100 -6.25 -21.00 4.26
N ARG A 101 -7.22 -21.72 3.70
CA ARG A 101 -6.94 -22.84 2.81
C ARG A 101 -6.10 -22.42 1.61
N LEU A 102 -6.48 -21.30 0.99
CA LEU A 102 -5.81 -20.81 -0.21
C LEU A 102 -4.37 -20.38 0.07
N ALA A 103 -4.17 -19.68 1.18
CA ALA A 103 -2.83 -19.26 1.60
C ALA A 103 -1.92 -20.48 1.77
N ARG A 104 -2.41 -21.49 2.50
CA ARG A 104 -1.63 -22.71 2.74
C ARG A 104 -1.34 -23.46 1.44
N GLN A 105 -2.34 -23.57 0.57
CA GLN A 105 -2.22 -24.29 -0.70
C GLN A 105 -1.13 -23.70 -1.58
N LEU A 106 -1.02 -22.37 -1.60
CA LEU A 106 -0.10 -21.68 -2.49
C LEU A 106 1.20 -21.24 -1.82
N GLY A 107 1.35 -21.58 -0.55
CA GLY A 107 2.60 -21.35 0.17
C GLY A 107 2.77 -19.96 0.78
N PHE A 108 1.69 -19.17 0.78
CA PHE A 108 1.74 -17.84 1.40
C PHE A 108 1.80 -17.95 2.91
N HIS A 109 2.64 -17.09 3.52
CA HIS A 109 2.82 -17.08 4.96
C HIS A 109 1.85 -16.12 5.65
N GLY A 110 1.12 -15.34 4.85
CA GLY A 110 0.19 -14.37 5.40
C GLY A 110 -0.92 -13.97 4.46
N LEU A 111 -1.95 -13.36 5.04
CA LEU A 111 -3.07 -12.78 4.32
C LEU A 111 -3.13 -11.29 4.63
N ASP A 112 -3.38 -10.49 3.61
CA ASP A 112 -3.40 -9.04 3.73
C ASP A 112 -4.70 -8.49 3.14
N LEU A 113 -5.59 -7.98 4.00
CA LEU A 113 -6.87 -7.46 3.54
C LEU A 113 -6.76 -6.00 3.14
N ASP A 114 -7.06 -5.72 1.86
CA ASP A 114 -7.00 -4.36 1.32
C ASP A 114 -8.38 -3.90 0.89
N TRP A 115 -9.30 -3.84 1.86
CA TRP A 115 -10.67 -3.44 1.60
C TRP A 115 -10.74 -1.92 1.58
N GLU A 116 -10.93 -1.37 0.38
CA GLU A 116 -10.83 0.05 0.13
C GLU A 116 -12.10 0.57 -0.55
N TYR A 117 -13.14 0.92 0.21
CA TYR A 117 -13.18 0.92 1.68
C TYR A 117 -14.57 0.49 2.13
N PRO A 118 -14.71 0.03 3.39
CA PRO A 118 -16.06 -0.18 3.92
C PRO A 118 -16.89 1.07 3.72
N LEU A 119 -18.15 0.89 3.32
CA LEU A 119 -18.98 1.99 2.83
C LEU A 119 -19.83 2.66 3.89
N SER A 120 -20.01 2.01 5.04
CA SER A 120 -20.83 2.55 6.11
C SER A 120 -20.23 2.22 7.47
N ALA A 121 -20.74 2.88 8.50
CA ALA A 121 -20.36 2.58 9.88
C ALA A 121 -20.65 1.13 10.25
N ALA A 122 -21.78 0.61 9.76
CA ALA A 122 -22.13 -0.80 9.96
C ALA A 122 -21.09 -1.72 9.34
N ASP A 123 -20.63 -1.39 8.14
CA ASP A 123 -19.56 -2.16 7.48
C ASP A 123 -18.26 -2.14 8.29
N MET A 124 -17.93 -0.97 8.85
CA MET A 124 -16.74 -0.85 9.70
C MET A 124 -16.86 -1.73 10.94
N THR A 125 -18.03 -1.72 11.57
CA THR A 125 -18.30 -2.58 12.72
C THR A 125 -18.16 -4.06 12.34
N ASN A 126 -18.72 -4.42 11.19
CA ASN A 126 -18.65 -5.80 10.72
C ASN A 126 -17.24 -6.23 10.34
N LEU A 127 -16.45 -5.28 9.83
CA LEU A 127 -15.02 -5.51 9.62
C LEU A 127 -14.33 -5.88 10.93
N GLY A 128 -14.66 -5.16 12.00
CA GLY A 128 -14.14 -5.46 13.33
C GLY A 128 -14.44 -6.88 13.76
N THR A 129 -15.69 -7.30 13.55
CA THR A 129 -16.13 -8.65 13.86
C THR A 129 -15.42 -9.70 13.00
N LEU A 130 -15.29 -9.40 11.70
CA LEU A 130 -14.57 -10.27 10.78
C LEU A 130 -13.15 -10.53 11.25
N LEU A 131 -12.44 -9.48 11.66
CA LEU A 131 -11.05 -9.62 12.12
C LEU A 131 -10.95 -10.43 13.42
N ASN A 132 -11.91 -10.23 14.33
CA ASN A 132 -11.99 -11.06 15.54
C ASN A 132 -12.03 -12.54 15.18
N GLU A 133 -12.95 -12.89 14.28
CA GLU A 133 -13.18 -14.28 13.89
C GLU A 133 -12.03 -14.84 13.04
N TRP A 134 -11.44 -14.00 12.21
CA TRP A 134 -10.33 -14.40 11.34
C TRP A 134 -9.10 -14.76 12.18
N ARG A 135 -8.80 -13.92 13.17
CA ARG A 135 -7.70 -14.16 14.10
C ARG A 135 -7.90 -15.48 14.85
N THR A 136 -9.10 -15.69 15.38
CA THR A 136 -9.42 -16.92 16.10
C THR A 136 -9.20 -18.15 15.21
N ALA A 137 -9.68 -18.06 13.96
CA ALA A 137 -9.54 -19.15 13.00
C ALA A 137 -8.08 -19.42 12.61
N ILE A 138 -7.31 -18.34 12.46
CA ILE A 138 -5.88 -18.45 12.16
C ILE A 138 -5.13 -19.14 13.32
N ASN A 139 -5.42 -18.70 14.55
CA ASN A 139 -4.81 -19.30 15.73
C ASN A 139 -5.18 -20.78 15.88
N THR A 140 -6.43 -21.12 15.58
CA THR A 140 -6.92 -22.50 15.64
C THR A 140 -6.25 -23.39 14.59
N GLU A 141 -6.10 -22.87 13.36
CA GLU A 141 -5.43 -23.60 12.30
C GLU A 141 -3.97 -23.90 12.66
N ALA A 142 -3.30 -22.93 13.29
CA ALA A 142 -1.92 -23.09 13.75
C ALA A 142 -1.80 -24.17 14.81
N ARG A 143 -2.74 -24.15 15.76
CA ARG A 143 -2.79 -25.12 16.86
C ARG A 143 -3.01 -26.54 16.35
N ASN A 144 -3.96 -26.68 15.41
CA ASN A 144 -4.34 -27.99 14.88
C ASN A 144 -3.30 -28.61 13.93
N SER A 145 -2.63 -27.77 13.16
CA SER A 145 -1.64 -28.23 12.19
C SER A 145 -0.23 -28.33 12.78
N GLY A 146 0.00 -27.64 13.89
CA GLY A 146 1.32 -27.59 14.53
C GLY A 146 2.27 -26.62 13.85
N ARG A 147 1.75 -25.88 12.87
CA ARG A 147 2.53 -24.93 12.09
C ARG A 147 2.45 -23.53 12.69
N ALA A 148 3.44 -22.69 12.37
CA ALA A 148 3.41 -21.28 12.74
C ALA A 148 2.18 -20.62 12.12
N ALA A 149 1.51 -19.78 12.90
CA ALA A 149 0.29 -19.10 12.44
C ALA A 149 0.56 -18.24 11.21
N LEU A 150 -0.42 -18.21 10.32
CA LEU A 150 -0.41 -17.26 9.21
C LEU A 150 -0.41 -15.85 9.78
N LEU A 151 0.30 -14.95 9.12
CA LEU A 151 0.23 -13.53 9.46
C LEU A 151 -1.05 -12.95 8.90
N LEU A 152 -1.58 -11.96 9.59
CA LEU A 152 -2.78 -11.26 9.13
C LEU A 152 -2.54 -9.76 9.23
N THR A 153 -2.63 -9.09 8.09
CA THR A 153 -2.43 -7.65 8.03
C THR A 153 -3.55 -7.01 7.20
N ALA A 154 -3.57 -5.68 7.18
CA ALA A 154 -4.51 -4.94 6.35
C ALA A 154 -3.85 -3.66 5.86
N ALA A 155 -4.13 -3.31 4.60
CA ALA A 155 -3.81 -1.99 4.10
C ALA A 155 -4.96 -1.06 4.44
N VAL A 156 -4.63 0.04 5.09
CA VAL A 156 -5.63 0.99 5.60
C VAL A 156 -5.27 2.40 5.17
N SER A 157 -6.28 3.28 5.20
CA SER A 157 -6.07 4.68 4.86
C SER A 157 -5.09 5.36 5.82
N ASN A 158 -4.49 6.45 5.33
CA ASN A 158 -3.53 7.25 6.08
C ASN A 158 -4.04 7.63 7.47
N SER A 159 -5.32 8.00 7.53
CA SER A 159 -6.00 8.33 8.78
C SER A 159 -6.99 7.22 9.14
N PRO A 160 -7.19 6.97 10.45
CA PRO A 160 -8.19 5.97 10.86
C PRO A 160 -9.64 6.41 10.65
N ARG A 161 -9.83 7.63 10.16
CA ARG A 161 -11.15 8.09 9.71
C ARG A 161 -11.09 8.27 8.20
N VAL A 162 -11.88 7.49 7.49
CA VAL A 162 -11.89 7.52 6.02
C VAL A 162 -13.33 7.72 5.53
N ASN A 163 -13.51 8.69 4.64
CA ASN A 163 -14.83 9.06 4.13
C ASN A 163 -15.85 9.28 5.25
N GLY A 164 -15.39 9.91 6.33
CA GLY A 164 -16.22 10.19 7.50
C GLY A 164 -16.53 9.00 8.40
N LEU A 165 -15.84 7.89 8.17
CA LEU A 165 -16.09 6.65 8.92
C LEU A 165 -14.86 6.21 9.70
N ASN A 166 -15.04 5.93 10.98
CA ASN A 166 -13.97 5.40 11.81
C ASN A 166 -13.76 3.91 11.58
N TYR A 167 -12.51 3.52 11.36
CA TYR A 167 -12.14 2.11 11.37
C TYR A 167 -12.42 1.50 12.74
N PRO A 168 -12.63 0.16 12.80
CA PRO A 168 -12.74 -0.53 14.07
C PRO A 168 -11.34 -0.69 14.69
N VAL A 169 -10.82 0.42 15.21
CA VAL A 169 -9.41 0.50 15.59
C VAL A 169 -8.99 -0.47 16.69
N GLU A 170 -9.89 -0.78 17.62
CA GLU A 170 -9.59 -1.75 18.68
C GLU A 170 -9.38 -3.14 18.08
N SER A 171 -10.26 -3.53 17.17
CA SER A 171 -10.13 -4.82 16.50
C SER A 171 -8.87 -4.92 15.64
N LEU A 172 -8.56 -3.83 14.92
CA LEU A 172 -7.32 -3.79 14.12
C LEU A 172 -6.10 -3.99 15.03
N ALA A 173 -6.05 -3.25 16.14
CA ALA A 173 -4.92 -3.32 17.07
C ALA A 173 -4.77 -4.71 17.70
N ARG A 174 -5.89 -5.34 18.04
CA ARG A 174 -5.87 -6.62 18.73
C ARG A 174 -5.60 -7.81 17.80
N ASN A 175 -6.16 -7.76 16.59
CA ASN A 175 -6.20 -8.94 15.73
C ASN A 175 -5.15 -9.02 14.63
N LEU A 176 -4.60 -7.88 14.23
CA LEU A 176 -3.66 -7.85 13.13
C LEU A 176 -2.23 -7.84 13.62
N ASP A 177 -1.35 -8.49 12.86
CA ASP A 177 0.08 -8.44 13.14
C ASP A 177 0.63 -7.05 12.87
N TRP A 178 0.10 -6.39 11.84
CA TRP A 178 0.35 -4.96 11.62
C TRP A 178 -0.62 -4.38 10.60
N ILE A 179 -0.63 -3.06 10.50
CA ILE A 179 -1.35 -2.37 9.44
C ILE A 179 -0.39 -1.67 8.49
N ASN A 180 -0.68 -1.80 7.21
CA ASN A 180 0.05 -1.12 6.14
C ASN A 180 -0.61 0.22 5.87
N LEU A 181 0.03 1.30 6.32
CA LEU A 181 -0.52 2.64 6.19
C LEU A 181 -0.34 3.19 4.79
N MET A 182 -1.45 3.50 4.13
CA MET A 182 -1.39 4.01 2.77
C MET A 182 -1.14 5.51 2.78
N ALA A 183 0.11 5.87 3.07
CA ALA A 183 0.54 7.26 3.16
C ALA A 183 0.90 7.79 1.76
N TYR A 184 -0.12 7.79 0.91
CA TYR A 184 -0.01 8.27 -0.46
C TYR A 184 -1.41 8.50 -1.00
N ASP A 185 -1.51 9.00 -2.23
CA ASP A 185 -2.80 9.36 -2.83
C ASP A 185 -3.56 10.41 -2.01
N PHE A 186 -2.85 11.30 -1.32
CA PHE A 186 -3.50 12.36 -0.55
C PHE A 186 -4.21 13.31 -1.51
N TYR A 187 -3.57 13.55 -2.65
CA TYR A 187 -4.06 14.43 -3.69
C TYR A 187 -3.72 13.77 -5.02
N GLY A 188 -4.50 14.10 -6.04
CA GLY A 188 -4.30 13.52 -7.37
C GLY A 188 -5.23 14.22 -8.33
N PRO A 189 -4.81 14.37 -9.60
CA PRO A 189 -5.63 15.14 -10.54
C PRO A 189 -7.00 14.54 -10.83
N ASN A 190 -7.20 13.26 -10.51
CA ASN A 190 -8.49 12.61 -10.72
C ASN A 190 -9.50 12.87 -9.59
N TRP A 191 -9.04 13.45 -8.48
CA TRP A 191 -9.94 13.82 -7.38
C TRP A 191 -9.75 15.24 -6.82
N SER A 192 -8.54 15.79 -6.96
CA SER A 192 -8.28 17.18 -6.62
C SER A 192 -7.58 17.88 -7.80
N PRO A 193 -8.34 18.12 -8.89
CA PRO A 193 -7.75 18.55 -10.16
C PRO A 193 -7.24 19.98 -10.21
N SER A 194 -7.70 20.84 -9.31
CA SER A 194 -7.55 22.28 -9.50
C SER A 194 -6.31 22.93 -8.87
N GLN A 195 -5.52 22.13 -8.16
CA GLN A 195 -4.22 22.61 -7.68
C GLN A 195 -3.23 21.47 -7.54
N THR A 196 -1.96 21.80 -7.69
CA THR A 196 -0.90 20.83 -7.48
C THR A 196 -0.72 20.56 -6.00
N ASN A 197 -0.20 19.37 -5.68
CA ASN A 197 0.08 18.99 -4.31
C ASN A 197 0.97 17.77 -4.31
N SER A 198 1.74 17.61 -3.24
CA SER A 198 2.47 16.38 -2.98
C SER A 198 1.49 15.30 -2.55
N HIS A 199 1.46 14.19 -3.28
CA HIS A 199 0.49 13.13 -2.98
C HIS A 199 0.86 12.27 -1.78
N ALA A 200 2.08 12.39 -1.28
CA ALA A 200 2.56 11.52 -0.20
C ALA A 200 3.37 12.25 0.87
N GLN A 201 3.31 13.58 0.90
CA GLN A 201 4.10 14.39 1.83
C GLN A 201 4.15 13.82 3.25
N LEU A 202 5.36 13.75 3.82
CA LEU A 202 5.53 13.27 5.18
C LEU A 202 5.03 14.27 6.21
N PHE A 203 5.20 15.56 5.90
CA PHE A 203 4.73 16.66 6.77
C PHE A 203 3.83 17.61 5.98
N ASP A 204 2.93 18.28 6.69
CA ASP A 204 2.05 19.26 6.08
C ASP A 204 1.65 20.33 7.10
N PRO A 205 2.44 21.42 7.20
CA PRO A 205 2.11 22.51 8.12
C PRO A 205 0.84 23.28 7.73
N VAL A 206 0.36 23.10 6.51
CA VAL A 206 -0.81 23.83 6.01
C VAL A 206 -2.12 23.18 6.45
N ASN A 207 -2.33 21.92 6.08
CA ASN A 207 -3.60 21.23 6.34
C ASN A 207 -3.49 19.96 7.19
N HIS A 208 -2.27 19.62 7.61
CA HIS A 208 -2.02 18.38 8.36
C HIS A 208 -2.53 17.12 7.65
N VAL A 209 -2.41 17.11 6.32
CA VAL A 209 -2.68 15.94 5.51
C VAL A 209 -1.30 15.40 5.12
N SER A 210 -0.82 14.41 5.88
CA SER A 210 0.55 13.93 5.72
C SER A 210 0.74 12.56 6.34
N GLY A 211 1.84 11.91 5.97
CA GLY A 211 2.19 10.61 6.55
C GLY A 211 2.39 10.67 8.06
N SER A 212 3.10 11.70 8.52
CA SER A 212 3.34 11.86 9.96
C SER A 212 2.05 12.12 10.74
N ASP A 213 1.17 12.94 10.18
CA ASP A 213 -0.14 13.19 10.79
C ASP A 213 -1.01 11.94 10.80
N GLY A 214 -0.88 11.13 9.75
CA GLY A 214 -1.56 9.84 9.68
C GLY A 214 -1.10 8.89 10.77
N ILE A 215 0.23 8.73 10.87
CA ILE A 215 0.83 7.93 11.94
C ILE A 215 0.31 8.39 13.31
N ASN A 216 0.34 9.70 13.53
CA ASN A 216 -0.10 10.27 14.80
C ASN A 216 -1.58 9.98 15.11
N ALA A 217 -2.43 10.06 14.09
CA ALA A 217 -3.84 9.76 14.26
C ALA A 217 -4.08 8.30 14.62
N TRP A 218 -3.34 7.39 13.97
CA TRP A 218 -3.42 5.97 14.29
C TRP A 218 -2.94 5.67 15.71
N ILE A 219 -1.86 6.32 16.13
CA ILE A 219 -1.35 6.23 17.50
C ILE A 219 -2.38 6.74 18.50
N GLN A 220 -2.96 7.91 18.22
CA GLN A 220 -3.96 8.49 19.10
C GLN A 220 -5.21 7.62 19.22
N ALA A 221 -5.49 6.86 18.17
CA ALA A 221 -6.62 5.93 18.14
C ALA A 221 -6.36 4.63 18.92
N GLY A 222 -5.12 4.46 19.40
CA GLY A 222 -4.78 3.33 20.26
C GLY A 222 -4.06 2.16 19.60
N VAL A 223 -3.69 2.32 18.34
CA VAL A 223 -2.92 1.29 17.65
C VAL A 223 -1.44 1.48 18.00
N PRO A 224 -0.76 0.42 18.50
CA PRO A 224 0.63 0.59 18.91
C PRO A 224 1.58 0.88 17.75
N THR A 225 2.62 1.66 18.04
CA THR A 225 3.62 2.05 17.05
C THR A 225 4.26 0.84 16.36
N LYS A 226 4.46 -0.24 17.11
CA LYS A 226 5.08 -1.46 16.57
C LYS A 226 4.16 -2.28 15.68
N LYS A 227 2.92 -1.79 15.48
CA LYS A 227 2.01 -2.41 14.52
C LYS A 227 1.76 -1.52 13.30
N LEU A 228 2.60 -0.50 13.13
CA LEU A 228 2.49 0.42 12.00
C LEU A 228 3.63 0.25 11.01
N VAL A 229 3.26 0.11 9.74
CA VAL A 229 4.21 0.01 8.63
C VAL A 229 3.86 1.10 7.62
N LEU A 230 4.80 2.02 7.38
CA LEU A 230 4.52 3.17 6.53
C LEU A 230 4.67 2.87 5.04
N GLY A 231 3.61 3.13 4.29
CA GLY A 231 3.65 3.02 2.83
C GLY A 231 4.44 4.14 2.18
N ILE A 232 5.16 3.77 1.13
CA ILE A 232 5.96 4.70 0.33
C ILE A 232 5.62 4.43 -1.14
N PRO A 233 5.28 5.49 -1.90
CA PRO A 233 4.90 5.28 -3.29
C PRO A 233 6.08 5.26 -4.26
N PHE A 234 6.09 4.29 -5.17
CA PHE A 234 7.05 4.27 -6.28
C PHE A 234 6.34 4.76 -7.56
N TYR A 235 5.55 5.82 -7.41
CA TYR A 235 4.78 6.39 -8.50
C TYR A 235 4.34 7.78 -8.06
N GLY A 236 3.82 8.55 -9.03
CA GLY A 236 3.29 9.86 -8.74
C GLY A 236 2.18 10.25 -9.71
N TYR A 237 1.84 11.53 -9.70
CA TYR A 237 0.75 12.07 -10.51
C TYR A 237 1.15 13.34 -11.23
N ALA A 238 0.68 13.46 -12.47
CA ALA A 238 0.95 14.63 -13.31
C ALA A 238 -0.30 15.50 -13.47
N TRP A 239 -0.16 16.76 -13.07
CA TRP A 239 -1.18 17.80 -13.27
C TRP A 239 -0.79 18.70 -14.45
N ARG A 240 -1.81 19.29 -15.07
CA ARG A 240 -1.63 20.37 -16.03
C ARG A 240 -1.73 21.71 -15.29
N LEU A 241 -0.67 22.50 -15.34
CA LEU A 241 -0.66 23.82 -14.73
C LEU A 241 -1.49 24.80 -15.54
N VAL A 242 -2.22 25.69 -14.84
CA VAL A 242 -2.94 26.77 -15.49
C VAL A 242 -1.94 27.80 -16.04
N ASN A 243 -0.91 28.07 -15.26
CA ASN A 243 0.12 29.03 -15.61
C ASN A 243 1.48 28.40 -15.37
N ALA A 244 2.26 28.20 -16.44
CA ALA A 244 3.57 27.54 -16.35
C ALA A 244 4.54 28.27 -15.41
N ASN A 245 4.32 29.57 -15.21
CA ASN A 245 5.14 30.37 -14.30
C ASN A 245 4.88 30.11 -12.83
N ILE A 246 3.73 29.52 -12.52
CA ILE A 246 3.32 29.24 -11.15
C ILE A 246 3.33 27.73 -10.97
N HIS A 247 4.37 27.24 -10.28
CA HIS A 247 4.70 25.82 -10.32
C HIS A 247 5.20 25.26 -8.98
N GLY A 248 4.79 25.89 -7.89
CA GLY A 248 5.08 25.33 -6.56
C GLY A 248 3.96 24.40 -6.12
N LEU A 249 3.93 24.11 -4.83
CA LEU A 249 2.79 23.41 -4.23
C LEU A 249 1.57 24.32 -4.28
N ARG A 250 0.38 23.72 -4.41
CA ARG A 250 -0.89 24.46 -4.45
C ARG A 250 -0.98 25.44 -5.61
N ALA A 251 -0.27 25.15 -6.70
CA ALA A 251 -0.35 25.96 -7.91
C ALA A 251 -1.64 25.64 -8.65
N PRO A 252 -2.34 26.68 -9.15
CA PRO A 252 -3.58 26.41 -9.89
C PRO A 252 -3.36 25.45 -11.06
N ALA A 253 -4.28 24.50 -11.17
CA ALA A 253 -4.16 23.42 -12.15
C ALA A 253 -5.49 23.15 -12.86
N ALA A 254 -5.42 22.38 -13.94
CA ALA A 254 -6.58 22.06 -14.76
C ALA A 254 -6.73 20.55 -14.95
N GLY A 255 -6.54 19.80 -13.87
CA GLY A 255 -6.67 18.35 -13.91
C GLY A 255 -5.43 17.65 -14.43
N LYS A 256 -5.64 16.44 -14.94
CA LYS A 256 -4.54 15.55 -15.33
C LYS A 256 -3.79 16.03 -16.57
N SER A 257 -2.47 15.87 -16.53
CA SER A 257 -1.61 16.12 -17.68
C SER A 257 -1.56 14.89 -18.56
N ASN A 258 -1.47 15.11 -19.88
CA ASN A 258 -1.39 14.00 -20.84
C ASN A 258 -0.06 13.23 -20.80
N VAL A 259 0.90 13.73 -20.04
CA VAL A 259 2.16 12.98 -19.84
C VAL A 259 1.96 11.81 -18.89
N GLY A 260 0.90 11.86 -18.09
CA GLY A 260 0.52 10.77 -17.19
C GLY A 260 -0.54 9.87 -17.78
N ALA A 261 -0.93 8.85 -17.04
CA ALA A 261 -1.94 7.88 -17.49
C ALA A 261 -3.24 8.55 -17.88
N VAL A 262 -3.91 8.00 -18.89
CA VAL A 262 -5.16 8.57 -19.41
C VAL A 262 -6.26 8.66 -18.36
N ASP A 263 -6.34 7.66 -17.48
CA ASP A 263 -7.43 7.59 -16.50
C ASP A 263 -7.23 8.50 -15.27
N ASP A 264 -6.02 8.53 -14.71
CA ASP A 264 -5.80 9.24 -13.45
C ASP A 264 -4.54 10.12 -13.38
N GLY A 265 -3.81 10.22 -14.49
CA GLY A 265 -2.58 11.02 -14.54
C GLY A 265 -1.39 10.40 -13.83
N SER A 266 -1.53 9.15 -13.40
CA SER A 266 -0.45 8.47 -12.68
C SER A 266 0.72 8.11 -13.58
N MET A 267 1.90 8.02 -12.97
CA MET A 267 3.13 7.62 -13.65
C MET A 267 3.99 6.88 -12.64
N THR A 268 4.58 5.76 -13.05
CA THR A 268 5.55 5.09 -12.20
C THR A 268 6.77 5.99 -12.00
N TYR A 269 7.47 5.80 -10.89
CA TYR A 269 8.70 6.51 -10.62
C TYR A 269 9.69 6.37 -11.78
N ASN A 270 9.83 5.15 -12.32
CA ASN A 270 10.75 4.97 -13.45
C ASN A 270 10.36 5.79 -14.69
N ARG A 271 9.06 5.89 -14.96
CA ARG A 271 8.55 6.73 -16.05
C ARG A 271 8.82 8.22 -15.81
N ILE A 272 8.67 8.64 -14.55
CA ILE A 272 8.94 10.02 -14.16
C ILE A 272 10.42 10.36 -14.33
N ARG A 273 11.28 9.45 -13.89
CA ARG A 273 12.72 9.63 -14.03
C ARG A 273 13.12 9.81 -15.50
N ASP A 274 12.57 8.96 -16.37
CA ASP A 274 12.79 9.07 -17.81
C ASP A 274 12.29 10.40 -18.35
N TYR A 275 11.11 10.82 -17.90
CA TYR A 275 10.53 12.09 -18.30
C TYR A 275 11.41 13.28 -17.91
N ILE A 276 11.94 13.25 -16.69
CA ILE A 276 12.85 14.30 -16.22
C ILE A 276 14.05 14.45 -17.16
N VAL A 277 14.65 13.32 -17.54
CA VAL A 277 15.78 13.31 -18.46
C VAL A 277 15.41 13.86 -19.84
N GLU A 278 14.31 13.36 -20.40
CA GLU A 278 13.94 13.73 -21.78
C GLU A 278 13.45 15.16 -21.93
N SER A 279 12.76 15.66 -20.90
CA SER A 279 12.18 16.99 -20.95
C SER A 279 13.08 18.08 -20.35
N ARG A 280 14.18 17.66 -19.73
CA ARG A 280 15.03 18.55 -18.94
C ARG A 280 14.20 19.26 -17.86
N ALA A 281 13.30 18.51 -17.21
CA ALA A 281 12.42 19.07 -16.19
C ALA A 281 13.21 19.58 -15.00
N THR A 282 12.71 20.65 -14.39
CA THR A 282 13.28 21.15 -13.15
C THR A 282 12.73 20.34 -11.99
N THR A 283 13.62 19.83 -11.15
CA THR A 283 13.23 19.02 -10.00
C THR A 283 13.38 19.81 -8.71
N VAL A 284 12.49 19.54 -7.77
CA VAL A 284 12.50 20.18 -6.46
C VAL A 284 12.34 19.12 -5.38
N TYR A 285 13.27 19.11 -4.43
CA TYR A 285 13.05 18.44 -3.16
C TYR A 285 12.61 19.50 -2.16
N ASN A 286 11.41 19.32 -1.63
CA ASN A 286 10.88 20.24 -0.63
C ASN A 286 11.12 19.69 0.76
N ALA A 287 12.01 20.35 1.50
CA ALA A 287 12.47 19.88 2.81
C ALA A 287 11.44 20.03 3.92
N THR A 288 10.49 20.94 3.72
CA THR A 288 9.42 21.17 4.69
C THR A 288 8.44 20.00 4.71
N ILE A 289 8.03 19.56 3.53
CA ILE A 289 7.03 18.51 3.41
C ILE A 289 7.64 17.10 3.33
N VAL A 290 8.91 17.04 2.93
CA VAL A 290 9.60 15.79 2.59
C VAL A 290 8.87 15.10 1.42
N GLY A 291 9.10 15.65 0.24
CA GLY A 291 8.51 15.16 -1.00
C GLY A 291 9.17 15.85 -2.17
N ASP A 292 9.04 15.24 -3.35
CA ASP A 292 9.63 15.77 -4.56
C ASP A 292 8.55 16.17 -5.56
N TYR A 293 8.90 17.09 -6.44
CA TYR A 293 8.12 17.34 -7.63
C TYR A 293 9.01 17.83 -8.75
N CYS A 294 8.50 17.77 -9.97
CA CYS A 294 9.21 18.32 -11.11
C CYS A 294 8.23 19.03 -12.01
N TYR A 295 8.74 19.93 -12.84
CA TYR A 295 7.91 20.66 -13.77
C TYR A 295 8.64 20.98 -15.05
N SER A 296 7.90 20.95 -16.16
CA SER A 296 8.40 21.32 -17.47
C SER A 296 7.21 21.83 -18.26
N GLY A 297 7.31 23.06 -18.75
CA GLY A 297 6.17 23.72 -19.39
C GLY A 297 4.99 23.72 -18.45
N SER A 298 3.84 23.25 -18.95
CA SER A 298 2.62 23.20 -18.14
C SER A 298 2.41 21.87 -17.43
N ASN A 299 3.46 21.05 -17.35
CA ASN A 299 3.38 19.76 -16.68
C ASN A 299 4.06 19.77 -15.32
N TRP A 300 3.37 19.23 -14.31
CA TRP A 300 3.84 19.26 -12.93
C TRP A 300 3.55 17.90 -12.31
N ILE A 301 4.58 17.28 -11.73
CA ILE A 301 4.47 15.90 -11.24
C ILE A 301 4.96 15.78 -9.81
N SER A 302 4.14 15.17 -8.95
CA SER A 302 4.50 14.84 -7.57
C SER A 302 4.93 13.38 -7.47
N TYR A 303 6.01 13.11 -6.73
CA TYR A 303 6.55 11.76 -6.56
C TYR A 303 7.55 11.74 -5.40
N ASP A 304 8.03 10.55 -5.05
CA ASP A 304 9.10 10.38 -4.07
C ASP A 304 10.39 9.96 -4.77
N ASP A 305 11.46 10.74 -4.56
CA ASP A 305 12.78 10.37 -5.07
C ASP A 305 13.68 9.95 -3.90
N THR A 306 14.97 9.76 -4.19
CA THR A 306 15.92 9.16 -3.25
C THR A 306 15.94 9.84 -1.88
N GLN A 307 16.07 11.16 -1.86
CA GLN A 307 16.16 11.91 -0.61
C GLN A 307 14.89 11.76 0.23
N THR A 308 13.73 11.80 -0.42
CA THR A 308 12.46 11.61 0.27
C THR A 308 12.34 10.22 0.87
N VAL A 309 12.69 9.20 0.10
CA VAL A 309 12.63 7.81 0.57
C VAL A 309 13.60 7.61 1.76
N ARG A 310 14.83 8.08 1.62
CA ARG A 310 15.80 8.01 2.72
C ARG A 310 15.27 8.68 3.98
N ASN A 311 14.73 9.88 3.82
CA ASN A 311 14.23 10.65 4.96
C ASN A 311 13.00 10.02 5.62
N LYS A 312 12.09 9.48 4.81
CA LYS A 312 10.92 8.79 5.34
C LYS A 312 11.31 7.55 6.13
N VAL A 313 12.23 6.77 5.59
CA VAL A 313 12.69 5.54 6.25
C VAL A 313 13.40 5.86 7.57
N ASN A 314 14.29 6.85 7.55
CA ASN A 314 14.94 7.30 8.79
C ASN A 314 13.94 7.81 9.82
N TYR A 315 12.94 8.54 9.36
CA TYR A 315 11.90 9.07 10.24
C TYR A 315 11.14 7.96 10.96
N VAL A 316 10.64 6.99 10.21
CA VAL A 316 9.85 5.92 10.84
C VAL A 316 10.70 4.96 11.68
N LYS A 317 11.95 4.76 11.29
CA LYS A 317 12.88 3.96 12.09
C LYS A 317 13.12 4.65 13.43
N GLY A 318 13.38 5.96 13.38
CA GLY A 318 13.62 6.76 14.57
C GLY A 318 12.44 6.79 15.53
N ARG A 319 11.23 6.70 14.98
CA ARG A 319 10.00 6.70 15.77
C ARG A 319 9.58 5.32 16.26
N GLY A 320 10.32 4.30 15.86
CA GLY A 320 10.08 2.94 16.34
C GLY A 320 8.89 2.25 15.71
N LEU A 321 8.54 2.64 14.48
CA LEU A 321 7.54 1.89 13.72
C LEU A 321 8.10 0.54 13.32
N LEU A 322 7.23 -0.37 12.91
CA LEU A 322 7.65 -1.72 12.55
C LEU A 322 8.46 -1.75 11.25
N GLY A 323 8.17 -0.84 10.34
CA GLY A 323 8.90 -0.77 9.09
C GLY A 323 8.20 0.07 8.04
N TYR A 324 8.44 -0.28 6.77
CA TYR A 324 7.86 0.42 5.64
C TYR A 324 7.44 -0.60 4.59
N PHE A 325 6.64 -0.16 3.63
CA PHE A 325 6.38 -0.95 2.44
C PHE A 325 6.32 -0.06 1.21
N ALA A 326 6.53 -0.65 0.05
CA ALA A 326 6.46 0.08 -1.22
C ALA A 326 5.27 -0.37 -2.05
N TRP A 327 4.48 0.61 -2.51
CA TRP A 327 3.53 0.38 -3.60
C TRP A 327 4.03 1.13 -4.83
N HIS A 328 4.43 0.43 -5.88
CA HIS A 328 4.58 -1.03 -5.95
C HIS A 328 5.95 -1.28 -6.56
N VAL A 329 6.48 -2.49 -6.43
CA VAL A 329 7.89 -2.74 -6.74
C VAL A 329 8.30 -2.44 -8.19
N ALA A 330 7.40 -2.72 -9.14
CA ALA A 330 7.68 -2.49 -10.56
C ALA A 330 7.89 -1.01 -10.90
N GLY A 331 7.39 -0.12 -10.04
CA GLY A 331 7.52 1.32 -10.27
C GLY A 331 8.93 1.86 -10.08
N ASP A 332 9.78 1.08 -9.40
CA ASP A 332 11.16 1.49 -9.11
C ASP A 332 11.99 1.60 -10.39
N GLN A 333 13.07 2.35 -10.31
CA GLN A 333 14.04 2.46 -11.41
C GLN A 333 15.28 1.65 -11.05
N ASN A 334 15.42 0.49 -11.69
CA ASN A 334 16.53 -0.44 -11.43
C ASN A 334 16.78 -0.67 -9.93
N TRP A 335 15.70 -0.85 -9.17
CA TRP A 335 15.74 -1.15 -7.74
C TRP A 335 16.39 -0.05 -6.88
N GLY A 336 16.48 1.16 -7.43
CA GLY A 336 17.14 2.28 -6.74
C GLY A 336 16.49 2.66 -5.43
N LEU A 337 15.19 2.92 -5.46
CA LEU A 337 14.47 3.32 -4.24
C LEU A 337 14.35 2.18 -3.25
N SER A 338 14.17 0.96 -3.76
CA SER A 338 14.11 -0.24 -2.92
C SER A 338 15.41 -0.44 -2.16
N ARG A 339 16.54 -0.24 -2.84
CA ARG A 339 17.85 -0.37 -2.20
C ARG A 339 18.10 0.77 -1.21
N THR A 340 17.74 1.99 -1.61
CA THR A 340 17.82 3.14 -0.71
C THR A 340 17.05 2.87 0.58
N ALA A 341 15.81 2.42 0.45
CA ALA A 341 14.98 2.14 1.62
C ALA A 341 15.59 1.05 2.50
N SER A 342 16.00 -0.06 1.90
CA SER A 342 16.53 -1.18 2.67
C SER A 342 17.82 -0.83 3.40
N GLN A 343 18.74 -0.18 2.69
CA GLN A 343 20.04 0.15 3.26
C GLN A 343 19.95 1.29 4.28
N THR A 344 19.01 2.20 4.07
CA THR A 344 18.75 3.26 5.04
C THR A 344 18.23 2.66 6.35
N TRP A 345 17.27 1.74 6.26
CA TRP A 345 16.81 1.05 7.45
C TRP A 345 17.95 0.27 8.10
N GLY A 346 18.65 -0.51 7.29
CA GLY A 346 19.77 -1.32 7.75
C GLY A 346 19.32 -2.67 8.30
N VAL A 347 19.91 -3.07 9.41
CA VAL A 347 19.61 -4.35 10.04
C VAL A 347 18.09 -4.48 10.27
N SER A 348 17.54 -5.62 9.86
CA SER A 348 16.10 -5.82 9.73
C SER A 348 15.43 -6.43 10.97
N PHE A 349 16.06 -6.32 12.12
CA PHE A 349 15.51 -6.82 13.37
C PHE A 349 16.06 -6.07 14.58
P PO4 B . 16.11 13.93 -4.42
O1 PO4 B . 17.02 12.73 -4.31
O2 PO4 B . 16.78 15.15 -3.84
O3 PO4 B . 15.78 14.18 -5.88
O4 PO4 B . 14.84 13.63 -3.67
P PO4 C . -10.26 21.16 -6.38
O1 PO4 C . -11.04 20.37 -5.34
O2 PO4 C . -10.05 22.57 -5.87
O3 PO4 C . -8.91 20.50 -6.54
O4 PO4 C . -11.02 21.16 -7.69
P PO4 D . 9.29 31.14 -12.94
O1 PO4 D . 8.99 30.10 -14.00
O2 PO4 D . 9.83 30.47 -11.71
O3 PO4 D . 10.30 32.13 -13.48
O4 PO4 D . 8.02 31.87 -12.61
P PO4 E . 2.33 28.04 -0.99
O1 PO4 E . 0.85 27.76 -0.92
O2 PO4 E . 2.89 27.52 -2.29
O3 PO4 E . 3.04 27.36 0.17
O4 PO4 E . 2.56 29.54 -0.90
C1 EDO F . -2.93 -1.88 -2.05
O1 EDO F . -4.22 -1.37 -2.44
C2 EDO F . -2.23 -0.89 -1.12
O2 EDO F . -2.16 0.41 -1.74
C1 EDO G . 12.49 -3.49 -11.60
O1 EDO G . 12.30 -2.94 -12.91
C2 EDO G . 12.24 -2.42 -10.54
O2 EDO G . 13.23 -1.39 -10.66
C1 EDO H . -5.29 6.84 0.17
O1 EDO H . -4.10 6.13 -0.20
C2 EDO H . -5.70 6.46 1.58
O2 EDO H . -4.67 6.84 2.51
C1 EDO I . -8.49 -15.49 19.87
O1 EDO I . -9.77 -16.12 19.86
C2 EDO I . -7.46 -16.46 20.45
O2 EDO I . -7.26 -17.52 19.52
C1 EDO J . -25.87 -3.87 6.34
O1 EDO J . -26.25 -4.83 7.33
C2 EDO J . -24.36 -3.91 6.14
O2 EDO J . -23.96 -2.81 5.33
#